data_8D5O
#
_entry.id   8D5O
#
_cell.length_a   23.081
_cell.length_b   29.535
_cell.length_c   79.975
_cell.angle_alpha   84.720
_cell.angle_beta   90.030
_cell.angle_gamma   70.650
#
_symmetry.space_group_name_H-M   'P 1'
#
loop_
_entity.id
_entity.type
_entity.pdbx_description
1 polymer 'RNA (33-MER)'
2 non-polymer 4-[4-(6,7-dimethoxyquinazolin-4-yl)piperazin-1-yl]butan-1-ol
#
_entity_poly.entity_id   1
_entity_poly.type   'polyribonucleotide'
_entity_poly.pdbx_seq_one_letter_code
;GGCGAUACCAGCCGAAAGGCCCUUGGCAGCGCC
;
_entity_poly.pdbx_strand_id   A,B
#